data_4FJ4
#
_entry.id   4FJ4
#
_cell.length_a   44.812
_cell.length_b   85.107
_cell.length_c   113.485
_cell.angle_alpha   90.00
_cell.angle_beta   90.00
_cell.angle_gamma   90.00
#
_symmetry.space_group_name_H-M   'P 21 21 21'
#
loop_
_entity.id
_entity.type
_entity.pdbx_description
1 polymer 'Uncharacterized protein'
2 non-polymer 'ETHYL MERCURY ION'
3 non-polymer 'SODIUM ION'
4 water water
#
_entity_poly.entity_id   1
_entity_poly.type   'polypeptide(L)'
_entity_poly.pdbx_seq_one_letter_code
;MSPIPLPVTDTDDAWRARIAAHRADKDEFLATHDQSPIPPADRGAFDGLRYFDIDASFRVAARYQPARDPEAVELETTRG
PPAEYTRAAVLGFDLGDSHHTLTAFRVEGESSLFVPFTDETTDDGRTYEHGRYLDVDPAGADGGDEVALDFNLAYNPFCA
YGGSFSCALPPADNHVPAAITAGERVDADLEHHHHHH
;
_entity_poly.pdbx_strand_id   A,B
#
loop_
_chem_comp.id
_chem_comp.type
_chem_comp.name
_chem_comp.formula
EMC non-polymer 'ETHYL MERCURY ION' 'C2 H5 Hg 1'
NA non-polymer 'SODIUM ION' 'Na 1'
#
# COMPACT_ATOMS: atom_id res chain seq x y z
N THR A 9 -41.25 -7.55 14.75
CA THR A 9 -41.86 -6.50 13.95
C THR A 9 -41.20 -6.36 12.57
N ASP A 10 -39.87 -6.31 12.55
CA ASP A 10 -39.13 -5.95 11.33
C ASP A 10 -39.37 -6.86 10.12
N THR A 11 -39.95 -6.28 9.08
CA THR A 11 -40.19 -7.00 7.84
C THR A 11 -38.91 -7.04 7.03
N ASP A 12 -38.86 -7.93 6.05
CA ASP A 12 -37.71 -8.04 5.16
C ASP A 12 -37.61 -6.81 4.28
N ASP A 13 -38.77 -6.29 3.91
CA ASP A 13 -38.84 -5.10 3.10
C ASP A 13 -38.28 -3.92 3.88
N ALA A 14 -38.64 -3.82 5.16
CA ALA A 14 -38.19 -2.72 6.02
C ALA A 14 -36.66 -2.72 6.13
N TRP A 15 -36.11 -3.91 6.25
CA TRP A 15 -34.68 -4.11 6.42
C TRP A 15 -33.91 -3.79 5.14
N ARG A 16 -34.39 -4.31 4.03
CA ARG A 16 -33.82 -3.98 2.74
C ARG A 16 -33.91 -2.47 2.46
N ALA A 17 -35.04 -1.86 2.82
CA ALA A 17 -35.21 -0.41 2.62
C ALA A 17 -34.21 0.38 3.46
N ARG A 18 -34.10 0.01 4.72
CA ARG A 18 -33.13 0.61 5.63
C ARG A 18 -31.71 0.57 5.04
N ILE A 19 -31.30 -0.59 4.52
CA ILE A 19 -29.98 -0.73 3.88
C ILE A 19 -29.85 0.16 2.64
N ALA A 20 -30.92 0.19 1.85
CA ALA A 20 -30.91 0.96 0.62
C ALA A 20 -30.75 2.44 0.95
N ALA A 21 -31.58 2.88 1.88
CA ALA A 21 -31.55 4.27 2.33
C ALA A 21 -30.16 4.65 2.82
N HIS A 22 -29.52 3.75 3.56
CA HIS A 22 -28.20 4.05 4.11
C HIS A 22 -27.15 4.18 3.01
N ARG A 23 -27.14 3.26 2.05
CA ARG A 23 -26.17 3.33 0.97
C ARG A 23 -26.35 4.57 0.10
N ALA A 24 -27.60 5.01 -0.06
CA ALA A 24 -27.87 6.20 -0.87
C ALA A 24 -27.40 7.48 -0.16
N ASP A 25 -27.80 7.63 1.10
CA ASP A 25 -27.39 8.77 1.92
C ASP A 25 -25.87 8.86 1.98
N LYS A 26 -25.22 7.72 2.17
CA LYS A 26 -23.76 7.67 2.23
C LYS A 26 -23.14 8.16 0.93
N ASP A 27 -23.62 7.65 -0.20
CA ASP A 27 -23.19 8.08 -1.53
C ASP A 27 -23.29 9.60 -1.68
N GLU A 28 -24.42 10.16 -1.25
CA GLU A 28 -24.68 11.60 -1.28
C GLU A 28 -23.63 12.40 -0.50
N PHE A 29 -23.40 12.00 0.75
CA PHE A 29 -22.36 12.60 1.58
C PHE A 29 -20.99 12.54 0.91
N LEU A 30 -20.61 11.36 0.40
CA LEU A 30 -19.29 11.18 -0.19
C LEU A 30 -19.15 12.04 -1.44
N ALA A 31 -20.23 12.11 -2.22
CA ALA A 31 -20.19 12.81 -3.51
C ALA A 31 -20.14 14.33 -3.35
N THR A 32 -20.81 14.87 -2.34
CA THR A 32 -21.04 16.33 -2.29
C THR A 32 -20.55 17.08 -1.05
N HIS A 33 -20.28 16.37 0.04
CA HIS A 33 -19.98 17.06 1.29
C HIS A 33 -18.50 17.42 1.45
N ASP A 34 -18.23 18.56 2.07
CA ASP A 34 -16.85 19.03 2.26
C ASP A 34 -16.00 18.08 3.09
N GLN A 35 -16.61 17.42 4.09
CA GLN A 35 -15.85 16.49 4.92
C GLN A 35 -15.85 15.07 4.34
N SER A 36 -16.33 14.91 3.10
CA SER A 36 -16.25 13.59 2.44
C SER A 36 -14.83 13.06 2.37
N PRO A 37 -14.66 11.76 2.62
CA PRO A 37 -13.35 11.13 2.47
C PRO A 37 -12.90 11.00 1.01
N ILE A 38 -13.80 11.14 0.05
CA ILE A 38 -13.40 11.19 -1.37
C ILE A 38 -12.62 12.48 -1.57
N PRO A 39 -11.40 12.37 -2.13
CA PRO A 39 -10.58 13.56 -2.40
C PRO A 39 -11.34 14.50 -3.34
N PRO A 40 -11.24 15.82 -3.10
CA PRO A 40 -12.00 16.81 -3.86
C PRO A 40 -11.82 16.61 -5.36
N ALA A 41 -10.58 16.32 -5.74
CA ALA A 41 -10.22 16.02 -7.13
C ALA A 41 -11.10 14.96 -7.77
N ASP A 42 -11.47 13.95 -6.99
CA ASP A 42 -12.17 12.80 -7.54
C ASP A 42 -13.67 12.84 -7.30
N ARG A 43 -14.15 13.88 -6.63
CA ARG A 43 -15.56 13.94 -6.27
C ARG A 43 -16.49 14.08 -7.45
N GLY A 44 -16.07 14.87 -8.44
CA GLY A 44 -16.91 15.13 -9.60
C GLY A 44 -17.20 13.84 -10.36
N ALA A 45 -16.18 13.00 -10.46
CA ALA A 45 -16.27 11.75 -11.20
C ALA A 45 -16.86 10.62 -10.36
N PHE A 46 -17.18 10.90 -9.10
CA PHE A 46 -17.65 9.86 -8.18
C PHE A 46 -19.03 9.34 -8.56
N ASP A 47 -19.15 8.02 -8.66
CA ASP A 47 -20.36 7.41 -9.20
C ASP A 47 -21.09 6.54 -8.17
N GLY A 48 -20.75 6.70 -6.89
CA GLY A 48 -21.36 5.88 -5.88
C GLY A 48 -20.45 4.74 -5.46
N LEU A 49 -20.65 4.24 -4.24
CA LEU A 49 -19.92 3.09 -3.77
C LEU A 49 -20.43 1.82 -4.47
N ARG A 50 -19.58 0.81 -4.55
CA ARG A 50 -20.00 -0.49 -5.08
C ARG A 50 -20.33 -1.45 -3.95
N TYR A 51 -21.44 -2.17 -4.09
CA TYR A 51 -21.90 -3.14 -3.11
C TYR A 51 -22.22 -4.49 -3.74
N PHE A 52 -22.04 -5.55 -2.97
CA PHE A 52 -22.71 -6.80 -3.25
C PHE A 52 -24.20 -6.50 -3.07
N ASP A 53 -25.05 -7.20 -3.79
CA ASP A 53 -26.48 -7.13 -3.56
C ASP A 53 -26.81 -7.64 -2.15
N ILE A 54 -27.95 -7.24 -1.64
CA ILE A 54 -28.32 -7.57 -0.27
C ILE A 54 -28.62 -9.08 -0.18
N ASP A 55 -28.16 -9.71 0.89
CA ASP A 55 -28.24 -11.18 0.99
C ASP A 55 -28.40 -11.60 2.44
N ALA A 56 -29.53 -12.23 2.74
CA ALA A 56 -29.93 -12.53 4.10
C ALA A 56 -29.13 -13.68 4.71
N SER A 57 -28.39 -14.39 3.89
CA SER A 57 -27.58 -15.47 4.41
C SER A 57 -26.34 -14.88 5.09
N PHE A 58 -26.15 -13.58 4.92
CA PHE A 58 -25.02 -12.90 5.51
C PHE A 58 -25.44 -11.98 6.64
N ARG A 59 -26.71 -12.09 7.01
CA ARG A 59 -27.26 -11.40 8.16
C ARG A 59 -27.49 -12.47 9.23
N VAL A 60 -26.51 -12.63 10.11
CA VAL A 60 -26.49 -13.76 11.05
C VAL A 60 -26.52 -13.35 12.51
N ALA A 61 -26.93 -14.28 13.37
CA ALA A 61 -26.92 -14.06 14.81
C ALA A 61 -25.58 -14.52 15.35
N ALA A 62 -24.94 -13.65 16.13
CA ALA A 62 -23.68 -14.01 16.76
C ALA A 62 -23.83 -14.17 18.26
N ARG A 63 -23.22 -15.21 18.79
CA ARG A 63 -23.09 -15.39 20.23
C ARG A 63 -22.06 -14.39 20.78
N TYR A 64 -22.45 -13.66 21.81
CA TYR A 64 -21.65 -12.60 22.38
C TYR A 64 -20.92 -13.10 23.63
N GLN A 65 -19.60 -13.14 23.55
CA GLN A 65 -18.79 -13.71 24.63
C GLN A 65 -17.89 -12.59 25.13
N PRO A 66 -18.35 -11.82 26.12
CA PRO A 66 -17.58 -10.64 26.55
C PRO A 66 -16.24 -11.00 27.15
N ALA A 67 -15.25 -10.14 26.95
CA ALA A 67 -13.93 -10.32 27.55
C ALA A 67 -14.06 -10.30 29.06
N ARG A 68 -13.51 -11.32 29.73
CA ARG A 68 -13.65 -11.43 31.18
C ARG A 68 -13.02 -10.21 31.89
N ASP A 69 -11.90 -9.77 31.33
CA ASP A 69 -11.07 -8.75 31.89
C ASP A 69 -10.61 -7.94 30.71
N PRO A 70 -11.43 -6.96 30.30
CA PRO A 70 -11.13 -6.19 29.08
C PRO A 70 -9.73 -5.62 29.09
N GLU A 71 -9.08 -5.79 27.95
CA GLU A 71 -7.64 -5.66 27.85
C GLU A 71 -7.29 -4.56 26.86
N ALA A 72 -6.34 -3.71 27.23
CA ALA A 72 -5.84 -2.69 26.32
C ALA A 72 -5.03 -3.40 25.24
N VAL A 73 -5.39 -3.16 23.98
CA VAL A 73 -4.68 -3.77 22.86
C VAL A 73 -4.49 -2.76 21.73
N GLU A 74 -3.55 -3.05 20.84
CA GLU A 74 -3.35 -2.15 19.70
C GLU A 74 -3.27 -2.82 18.35
N LEU A 75 -3.82 -2.13 17.36
CA LEU A 75 -3.86 -2.59 16.00
C LEU A 75 -2.93 -1.68 15.22
N GLU A 76 -2.27 -2.27 14.24
CA GLU A 76 -1.45 -1.51 13.32
C GLU A 76 -2.37 -0.56 12.56
N THR A 77 -1.84 0.59 12.13
CA THR A 77 -2.60 1.45 11.25
C THR A 77 -1.84 1.57 9.95
N THR A 78 -2.50 2.05 8.91
CA THR A 78 -1.90 2.08 7.58
C THR A 78 -0.74 3.08 7.45
N ARG A 79 -0.81 4.20 8.16
CA ARG A 79 0.18 5.26 7.98
C ARG A 79 0.72 5.80 9.28
N GLY A 80 0.41 5.18 10.41
CA GLY A 80 0.67 5.85 11.66
C GLY A 80 1.06 4.96 12.81
N PRO A 81 1.04 5.53 14.02
CA PRO A 81 1.31 4.76 15.23
C PRO A 81 0.13 3.82 15.43
N PRO A 82 0.34 2.71 16.15
CA PRO A 82 -0.75 1.77 16.40
C PRO A 82 -1.87 2.45 17.16
N ALA A 83 -3.09 2.10 16.80
CA ALA A 83 -4.26 2.65 17.44
C ALA A 83 -4.64 1.78 18.63
N GLU A 84 -5.16 2.43 19.68
CA GLU A 84 -5.42 1.76 20.95
C GLU A 84 -6.88 1.43 21.10
N TYR A 85 -7.15 0.14 21.32
CA TYR A 85 -8.49 -0.33 21.56
C TYR A 85 -8.55 -1.13 22.85
N THR A 86 -9.76 -1.46 23.28
CA THR A 86 -9.92 -2.41 24.34
C THR A 86 -10.54 -3.64 23.71
N ARG A 87 -9.98 -4.80 23.98
CA ARG A 87 -10.60 -6.05 23.52
C ARG A 87 -11.87 -6.24 24.32
N ALA A 88 -13.02 -6.20 23.64
CA ALA A 88 -14.29 -6.15 24.35
C ALA A 88 -15.04 -7.48 24.37
N ALA A 89 -14.86 -8.28 23.34
CA ALA A 89 -15.62 -9.53 23.25
C ALA A 89 -15.22 -10.39 22.09
N VAL A 90 -15.68 -11.63 22.15
CA VAL A 90 -15.61 -12.55 21.04
C VAL A 90 -17.02 -12.68 20.47
N LEU A 91 -17.15 -12.52 19.15
CA LEU A 91 -18.40 -12.79 18.46
C LEU A 91 -18.31 -14.14 17.76
N GLY A 92 -19.23 -15.04 18.09
CA GLY A 92 -19.21 -16.39 17.53
C GLY A 92 -20.42 -16.62 16.64
N PHE A 93 -20.20 -17.11 15.43
CA PHE A 93 -21.31 -17.20 14.46
C PHE A 93 -21.09 -18.26 13.37
N ASP A 94 -22.15 -18.53 12.61
CA ASP A 94 -22.07 -19.51 11.53
C ASP A 94 -22.29 -18.84 10.20
N LEU A 95 -21.42 -19.14 9.25
CA LEU A 95 -21.71 -18.82 7.85
C LEU A 95 -21.86 -20.13 7.10
N GLY A 96 -23.07 -20.34 6.59
CA GLY A 96 -23.43 -21.61 5.99
C GLY A 96 -23.16 -22.72 6.98
N ASP A 97 -22.21 -23.57 6.63
CA ASP A 97 -21.92 -24.79 7.38
C ASP A 97 -20.80 -24.66 8.40
N SER A 98 -20.13 -23.51 8.42
CA SER A 98 -18.93 -23.34 9.25
C SER A 98 -19.06 -22.32 10.40
N HIS A 99 -18.39 -22.59 11.50
CA HIS A 99 -18.42 -21.71 12.66
C HIS A 99 -17.18 -20.82 12.69
N HIS A 100 -17.39 -19.55 13.02
CA HIS A 100 -16.32 -18.55 13.03
C HIS A 100 -16.37 -17.64 14.25
N THR A 101 -15.24 -17.03 14.58
CA THR A 101 -15.13 -16.10 15.68
C THR A 101 -14.48 -14.83 15.21
N LEU A 102 -14.94 -13.71 15.73
CA LEU A 102 -14.28 -12.44 15.49
C LEU A 102 -14.14 -11.70 16.80
N THR A 103 -12.99 -11.05 16.98
CA THR A 103 -12.79 -10.20 18.15
C THR A 103 -13.41 -8.82 17.94
N ALA A 104 -14.20 -8.38 18.91
CA ALA A 104 -14.83 -7.06 18.84
C ALA A 104 -14.10 -6.10 19.76
N PHE A 105 -13.86 -4.87 19.29
CA PHE A 105 -13.10 -3.89 20.05
C PHE A 105 -13.96 -2.73 20.54
N ARG A 106 -13.71 -2.31 21.77
CA ARG A 106 -14.35 -1.13 22.32
C ARG A 106 -13.51 0.08 21.97
N VAL A 107 -14.15 1.11 21.44
CA VAL A 107 -13.49 2.36 21.03
C VAL A 107 -13.92 3.51 21.95
N GLU A 108 -12.97 4.28 22.45
CA GLU A 108 -13.29 5.37 23.39
C GLU A 108 -14.33 6.35 22.82
N GLY A 109 -15.43 6.53 23.56
CA GLY A 109 -16.45 7.50 23.20
C GLY A 109 -17.43 7.03 22.16
N GLU A 110 -17.27 5.80 21.68
CA GLU A 110 -18.21 5.23 20.71
C GLU A 110 -19.00 4.11 21.38
N SER A 111 -20.31 4.08 21.14
CA SER A 111 -21.12 3.07 21.82
C SER A 111 -21.13 1.68 21.12
N SER A 112 -20.91 1.66 19.81
CA SER A 112 -20.86 0.40 19.07
C SER A 112 -19.47 -0.22 19.10
N LEU A 113 -19.42 -1.53 19.05
CA LEU A 113 -18.15 -2.24 18.99
C LEU A 113 -17.58 -2.15 17.58
N PHE A 114 -16.26 -2.07 17.50
CA PHE A 114 -15.55 -1.97 16.24
C PHE A 114 -15.11 -3.38 15.89
N VAL A 115 -15.49 -3.90 14.72
CA VAL A 115 -15.06 -5.23 14.30
C VAL A 115 -14.41 -5.20 12.90
N PRO A 116 -13.10 -4.95 12.83
CA PRO A 116 -12.44 -4.99 11.54
C PRO A 116 -12.18 -6.43 11.14
N PHE A 117 -12.38 -6.77 9.87
CA PHE A 117 -12.17 -8.15 9.42
C PHE A 117 -11.64 -8.21 8.00
N THR A 118 -11.20 -9.41 7.62
CA THR A 118 -10.84 -9.72 6.26
C THR A 118 -11.51 -11.06 5.96
N ASP A 119 -11.67 -11.39 4.69
CA ASP A 119 -12.25 -12.68 4.35
C ASP A 119 -11.69 -13.14 3.02
N GLU A 120 -12.29 -14.17 2.42
CA GLU A 120 -11.78 -14.62 1.13
C GLU A 120 -11.95 -13.60 0.00
N THR A 121 -12.93 -12.70 0.12
CA THR A 121 -13.02 -11.62 -0.88
C THR A 121 -11.86 -10.63 -0.74
N THR A 122 -11.29 -10.53 0.45
CA THR A 122 -10.10 -9.73 0.61
C THR A 122 -9.01 -10.34 -0.25
N ASP A 123 -8.92 -11.66 -0.20
CA ASP A 123 -7.82 -12.38 -0.81
C ASP A 123 -7.94 -12.41 -2.32
N ASP A 124 -9.16 -12.60 -2.83
CA ASP A 124 -9.33 -12.71 -4.28
C ASP A 124 -9.51 -11.36 -4.97
N GLY A 125 -9.54 -10.28 -4.19
CA GLY A 125 -9.54 -8.94 -4.74
C GLY A 125 -10.92 -8.34 -4.99
N ARG A 126 -11.97 -9.01 -4.55
CA ARG A 126 -13.32 -8.47 -4.74
C ARG A 126 -13.66 -7.35 -3.75
N THR A 127 -13.05 -7.39 -2.55
CA THR A 127 -13.22 -6.32 -1.55
C THR A 127 -11.87 -5.73 -1.15
N TYR A 128 -11.93 -4.63 -0.40
CA TYR A 128 -10.72 -3.84 -0.10
C TYR A 128 -9.57 -4.63 0.49
N GLU A 129 -8.37 -4.37 -0.04
CA GLU A 129 -7.20 -5.16 0.26
C GLU A 129 -6.80 -5.17 1.75
N HIS A 130 -7.09 -4.08 2.47
CA HIS A 130 -6.73 -4.03 3.88
C HIS A 130 -7.85 -4.56 4.76
N GLY A 131 -8.98 -4.85 4.14
CA GLY A 131 -10.09 -5.47 4.86
C GLY A 131 -11.28 -4.54 5.00
N ARG A 132 -12.26 -4.96 5.78
CA ARG A 132 -13.45 -4.14 5.98
C ARG A 132 -13.80 -4.00 7.44
N TYR A 133 -14.76 -3.13 7.72
CA TYR A 133 -15.17 -2.83 9.07
C TYR A 133 -16.63 -3.18 9.20
N LEU A 134 -17.01 -3.59 10.40
CA LEU A 134 -18.39 -3.79 10.78
C LEU A 134 -18.60 -3.10 12.14
N ASP A 135 -19.74 -2.45 12.34
CA ASP A 135 -20.07 -1.93 13.66
C ASP A 135 -21.10 -2.84 14.27
N VAL A 136 -20.95 -3.15 15.55
CA VAL A 136 -21.90 -4.05 16.22
C VAL A 136 -22.40 -3.45 17.54
N ASP A 137 -23.71 -3.33 17.66
CA ASP A 137 -24.37 -2.81 18.87
C ASP A 137 -24.26 -3.85 19.98
N PRO A 138 -23.58 -3.50 21.08
CA PRO A 138 -23.39 -4.50 22.14
C PRO A 138 -24.63 -4.65 23.02
N ALA A 139 -25.46 -3.61 23.04
CA ALA A 139 -26.57 -3.52 23.98
C ALA A 139 -27.48 -4.75 23.99
N GLY A 140 -27.65 -5.34 25.17
CA GLY A 140 -26.98 -4.89 26.38
C GLY A 140 -26.07 -5.96 26.94
N GLY A 144 -24.55 -9.62 27.42
CA GLY A 144 -24.08 -10.93 27.00
C GLY A 144 -25.23 -11.86 26.66
N ASP A 145 -25.24 -12.34 25.42
CA ASP A 145 -26.31 -13.19 24.89
C ASP A 145 -26.09 -13.43 23.40
N GLU A 146 -26.93 -12.79 22.57
CA GLU A 146 -26.81 -12.83 21.12
C GLU A 146 -26.93 -11.43 20.52
N VAL A 147 -26.04 -11.08 19.59
CA VAL A 147 -26.10 -9.81 18.89
C VAL A 147 -26.26 -10.05 17.41
N ALA A 148 -26.54 -8.98 16.67
CA ALA A 148 -26.79 -9.09 15.23
C ALA A 148 -25.55 -8.75 14.44
N LEU A 149 -25.11 -9.71 13.63
CA LEU A 149 -24.00 -9.50 12.71
C LEU A 149 -24.48 -9.45 11.27
N ASP A 150 -24.59 -8.24 10.72
CA ASP A 150 -25.09 -8.09 9.36
C ASP A 150 -23.99 -7.65 8.43
N PHE A 151 -23.36 -8.60 7.75
CA PHE A 151 -22.28 -8.26 6.84
C PHE A 151 -22.74 -7.47 5.60
N ASN A 152 -24.05 -7.33 5.41
CA ASN A 152 -24.53 -6.40 4.37
C ASN A 152 -24.20 -4.94 4.74
N LEU A 153 -23.75 -4.75 5.98
CA LEU A 153 -23.36 -3.43 6.46
C LEU A 153 -21.86 -3.26 6.58
N ALA A 154 -21.10 -4.24 6.10
CA ALA A 154 -19.65 -4.12 6.06
C ALA A 154 -19.26 -2.97 5.12
N TYR A 155 -18.39 -2.10 5.59
CA TYR A 155 -18.01 -0.89 4.85
C TYR A 155 -16.48 -0.74 4.82
N ASN A 156 -15.97 0.07 3.91
CA ASN A 156 -14.53 0.26 3.77
C ASN A 156 -13.92 1.29 4.72
N PRO A 157 -12.63 1.13 5.06
CA PRO A 157 -11.93 2.21 5.78
C PRO A 157 -11.76 3.40 4.85
N PHE A 158 -11.69 4.62 5.41
CA PHE A 158 -11.51 5.87 4.65
C PHE A 158 -10.41 5.81 3.61
N CYS A 159 -9.28 5.20 3.96
CA CYS A 159 -8.11 5.20 3.09
C CYS A 159 -8.35 4.47 1.77
N ALA A 160 -9.48 3.76 1.68
CA ALA A 160 -9.84 3.01 0.48
C ALA A 160 -10.23 3.94 -0.66
N TYR A 161 -10.39 5.22 -0.35
CA TYR A 161 -10.91 6.16 -1.33
C TYR A 161 -9.86 7.11 -1.92
N GLY A 162 -8.58 6.89 -1.59
CA GLY A 162 -7.53 7.67 -2.21
C GLY A 162 -6.88 8.70 -1.32
N GLY A 163 -7.61 9.19 -0.33
CA GLY A 163 -7.06 10.17 0.58
C GLY A 163 -5.99 9.56 1.47
N SER A 164 -5.29 10.42 2.21
CA SER A 164 -4.26 9.96 3.12
C SER A 164 -4.82 9.91 4.54
N PHE A 165 -5.49 8.81 4.86
CA PHE A 165 -5.98 8.59 6.21
C PHE A 165 -5.21 7.43 6.80
N SER A 166 -4.93 7.52 8.10
CA SER A 166 -4.37 6.39 8.82
C SER A 166 -5.52 5.63 9.46
N CYS A 167 -5.72 4.38 9.04
CA CYS A 167 -6.86 3.59 9.50
C CYS A 167 -6.41 2.31 10.16
N ALA A 168 -7.19 1.84 11.13
CA ALA A 168 -6.86 0.63 11.87
C ALA A 168 -6.90 -0.60 10.95
N LEU A 169 -5.93 -1.50 11.11
CA LEU A 169 -5.88 -2.72 10.31
C LEU A 169 -6.46 -3.88 11.12
N PRO A 170 -7.22 -4.75 10.46
CA PRO A 170 -7.73 -5.96 11.12
C PRO A 170 -6.60 -6.85 11.65
N PRO A 171 -6.76 -7.40 12.86
CA PRO A 171 -5.75 -8.36 13.32
C PRO A 171 -5.85 -9.65 12.48
N ALA A 172 -4.76 -10.43 12.44
CA ALA A 172 -4.75 -11.66 11.64
C ALA A 172 -5.84 -12.63 12.08
N ASP A 173 -6.13 -12.59 13.38
CA ASP A 173 -7.13 -13.45 14.02
C ASP A 173 -8.58 -13.14 13.58
N ASN A 174 -8.76 -11.99 12.94
CA ASN A 174 -10.08 -11.59 12.46
C ASN A 174 -10.29 -11.88 10.97
N HIS A 175 -9.50 -12.80 10.43
CA HIS A 175 -9.75 -13.26 9.09
C HIS A 175 -10.84 -14.32 9.20
N VAL A 176 -11.84 -14.23 8.33
CA VAL A 176 -12.88 -15.23 8.28
C VAL A 176 -12.63 -16.03 7.02
N PRO A 177 -12.39 -17.35 7.16
CA PRO A 177 -12.00 -18.18 6.02
C PRO A 177 -13.22 -18.56 5.19
N ALA A 178 -13.81 -17.54 4.56
CA ALA A 178 -15.06 -17.68 3.81
C ALA A 178 -15.28 -16.45 2.94
N ALA A 179 -16.04 -16.61 1.88
CA ALA A 179 -16.31 -15.50 0.99
C ALA A 179 -17.50 -14.73 1.51
N ILE A 180 -17.26 -13.53 2.03
CA ILE A 180 -18.36 -12.74 2.56
C ILE A 180 -18.87 -11.81 1.46
N THR A 181 -19.74 -12.36 0.62
CA THR A 181 -20.29 -11.67 -0.54
C THR A 181 -21.51 -10.84 -0.10
N ALA A 182 -21.22 -9.81 0.70
CA ALA A 182 -22.22 -8.93 1.26
C ALA A 182 -21.48 -7.66 1.64
N GLY A 183 -22.21 -6.56 1.75
CA GLY A 183 -21.57 -5.30 2.06
C GLY A 183 -20.80 -4.69 0.90
N GLU A 184 -19.93 -3.75 1.25
CA GLU A 184 -19.24 -2.94 0.27
C GLU A 184 -18.18 -3.75 -0.48
N ARG A 185 -18.06 -3.51 -1.78
CA ARG A 185 -17.03 -4.17 -2.58
C ARG A 185 -16.22 -3.10 -3.31
N VAL A 186 -15.13 -3.49 -3.98
CA VAL A 186 -14.42 -2.55 -4.85
C VAL A 186 -14.39 -3.01 -6.31
N ASP A 187 -14.98 -2.23 -7.20
CA ASP A 187 -15.09 -2.61 -8.61
C ASP A 187 -14.18 -1.79 -9.53
N THR B 11 36.85 0.81 -20.39
CA THR B 11 36.04 0.67 -21.59
C THR B 11 34.59 0.44 -21.20
N ASP B 12 33.74 0.31 -22.22
CA ASP B 12 32.37 -0.13 -22.03
C ASP B 12 32.37 -1.59 -21.58
N ASP B 13 33.45 -2.29 -21.89
CA ASP B 13 33.52 -3.72 -21.59
C ASP B 13 33.70 -4.00 -20.11
N ALA B 14 34.55 -3.22 -19.45
CA ALA B 14 34.73 -3.37 -18.01
C ALA B 14 33.41 -2.99 -17.33
N TRP B 15 32.87 -1.87 -17.76
CA TRP B 15 31.58 -1.37 -17.28
C TRP B 15 30.45 -2.40 -17.48
N ARG B 16 30.30 -2.93 -18.68
CA ARG B 16 29.30 -3.96 -18.94
C ARG B 16 29.52 -5.18 -18.05
N ALA B 17 30.78 -5.57 -17.92
CA ALA B 17 31.12 -6.79 -17.16
C ALA B 17 30.76 -6.62 -15.70
N ARG B 18 31.10 -5.47 -15.16
CA ARG B 18 30.82 -5.15 -13.77
C ARG B 18 29.32 -5.16 -13.50
N ILE B 19 28.54 -4.55 -14.40
CA ILE B 19 27.09 -4.57 -14.28
C ILE B 19 26.56 -6.01 -14.37
N ALA B 20 27.07 -6.76 -15.33
CA ALA B 20 26.61 -8.14 -15.47
C ALA B 20 26.99 -8.96 -14.23
N ALA B 21 28.18 -8.73 -13.70
CA ALA B 21 28.61 -9.39 -12.48
C ALA B 21 27.68 -9.06 -11.32
N HIS B 22 27.34 -7.78 -11.17
CA HIS B 22 26.43 -7.36 -10.11
C HIS B 22 25.06 -8.04 -10.19
N ARG B 23 24.47 -8.09 -11.38
CA ARG B 23 23.17 -8.76 -11.57
C ARG B 23 23.23 -10.25 -11.22
N ALA B 24 24.30 -10.93 -11.63
CA ALA B 24 24.50 -12.34 -11.28
C ALA B 24 24.58 -12.59 -9.77
N ASP B 25 25.54 -11.95 -9.12
CA ASP B 25 25.68 -12.00 -7.66
C ASP B 25 24.36 -11.69 -6.93
N LYS B 26 23.61 -10.72 -7.44
CA LYS B 26 22.34 -10.35 -6.81
C LYS B 26 21.29 -11.44 -6.96
N ASP B 27 21.17 -12.01 -8.16
CA ASP B 27 20.32 -13.20 -8.34
C ASP B 27 20.69 -14.33 -7.35
N GLU B 28 21.98 -14.67 -7.32
CA GLU B 28 22.55 -15.63 -6.36
C GLU B 28 22.04 -15.38 -4.94
N PHE B 29 22.25 -14.16 -4.44
CA PHE B 29 21.77 -13.74 -3.11
C PHE B 29 20.27 -13.90 -2.93
N LEU B 30 19.49 -13.40 -3.88
CA LEU B 30 18.05 -13.51 -3.78
C LEU B 30 17.60 -14.96 -3.79
N ALA B 31 18.31 -15.78 -4.56
CA ALA B 31 17.86 -17.14 -4.79
C ALA B 31 18.16 -18.08 -3.62
N THR B 32 19.19 -17.76 -2.84
CA THR B 32 19.72 -18.75 -1.90
C THR B 32 19.93 -18.24 -0.48
N HIS B 33 19.99 -16.92 -0.31
CA HIS B 33 20.31 -16.40 1.01
C HIS B 33 19.09 -16.27 1.93
N ASP B 34 19.29 -16.61 3.21
CA ASP B 34 18.22 -16.52 4.21
C ASP B 34 17.64 -15.14 4.35
N GLN B 35 18.46 -14.12 4.11
CA GLN B 35 18.02 -12.74 4.23
C GLN B 35 17.51 -12.18 2.89
N SER B 36 17.29 -13.04 1.91
CA SER B 36 16.73 -12.60 0.63
C SER B 36 15.34 -11.98 0.78
N PRO B 37 15.11 -10.85 0.09
CA PRO B 37 13.75 -10.29 0.10
C PRO B 37 12.72 -11.14 -0.69
N ILE B 38 13.17 -12.15 -1.44
CA ILE B 38 12.23 -13.12 -2.02
C ILE B 38 11.62 -13.94 -0.89
N PRO B 39 10.28 -13.97 -0.78
CA PRO B 39 9.66 -14.74 0.30
C PRO B 39 10.01 -16.22 0.18
N PRO B 40 10.31 -16.87 1.31
CA PRO B 40 10.84 -18.24 1.34
C PRO B 40 10.02 -19.17 0.47
N ALA B 41 8.71 -18.95 0.45
CA ALA B 41 7.81 -19.75 -0.37
C ALA B 41 8.17 -19.78 -1.85
N ASP B 42 8.77 -18.70 -2.35
CA ASP B 42 8.96 -18.55 -3.79
C ASP B 42 10.41 -18.64 -4.21
N ARG B 43 11.29 -18.96 -3.28
CA ARG B 43 12.72 -18.97 -3.56
C ARG B 43 13.14 -20.09 -4.48
N GLY B 44 12.45 -21.22 -4.39
CA GLY B 44 12.76 -22.39 -5.20
C GLY B 44 12.34 -22.20 -6.63
N ALA B 45 11.19 -21.55 -6.81
CA ALA B 45 10.69 -21.22 -8.13
C ALA B 45 11.38 -20.00 -8.76
N PHE B 46 12.12 -19.24 -7.95
CA PHE B 46 12.72 -17.97 -8.39
C PHE B 46 13.71 -18.20 -9.50
N ASP B 47 13.61 -17.37 -10.55
CA ASP B 47 14.37 -17.61 -11.78
C ASP B 47 15.25 -16.41 -12.15
N GLY B 48 15.55 -15.57 -11.16
CA GLY B 48 16.32 -14.37 -11.44
C GLY B 48 15.45 -13.13 -11.59
N LEU B 49 16.06 -11.96 -11.43
CA LEU B 49 15.38 -10.71 -11.71
C LEU B 49 15.33 -10.51 -13.24
N ARG B 50 14.52 -9.55 -13.68
CA ARG B 50 14.43 -9.21 -15.11
C ARG B 50 14.96 -7.82 -15.40
N TYR B 51 15.77 -7.69 -16.44
CA TYR B 51 16.42 -6.44 -16.76
C TYR B 51 16.27 -6.07 -18.22
N PHE B 52 16.30 -4.77 -18.53
CA PHE B 52 16.56 -4.36 -19.91
C PHE B 52 18.03 -4.59 -20.17
N ASP B 53 18.38 -4.81 -21.43
CA ASP B 53 19.78 -4.91 -21.82
C ASP B 53 20.56 -3.66 -21.43
N ILE B 54 21.86 -3.83 -21.22
CA ILE B 54 22.74 -2.73 -20.86
C ILE B 54 22.92 -1.76 -22.03
N ASP B 55 22.44 -0.54 -21.83
CA ASP B 55 22.41 0.47 -22.89
C ASP B 55 23.13 1.72 -22.38
N ALA B 56 24.26 2.05 -23.02
CA ALA B 56 25.09 3.18 -22.61
C ALA B 56 24.44 4.56 -22.78
N SER B 57 23.34 4.61 -23.53
CA SER B 57 22.65 5.87 -23.75
C SER B 57 21.85 6.24 -22.50
N PHE B 58 21.77 5.31 -21.56
CA PHE B 58 21.10 5.56 -20.30
C PHE B 58 22.08 5.74 -19.14
N ARG B 59 23.35 5.86 -19.48
CA ARG B 59 24.36 6.20 -18.51
C ARG B 59 24.69 7.64 -18.82
N VAL B 60 24.11 8.56 -18.06
CA VAL B 60 24.25 9.97 -18.39
C VAL B 60 25.01 10.76 -17.33
N ALA B 61 25.58 11.87 -17.77
CA ALA B 61 26.28 12.78 -16.90
C ALA B 61 25.24 13.72 -16.31
N ALA B 62 25.21 13.81 -14.99
CA ALA B 62 24.22 14.70 -14.37
C ALA B 62 24.87 15.87 -13.64
N ARG B 63 24.28 17.04 -13.79
CA ARG B 63 24.74 18.22 -13.09
C ARG B 63 24.27 18.17 -11.65
N TYR B 64 25.22 18.21 -10.72
CA TYR B 64 24.93 18.16 -9.29
C TYR B 64 24.64 19.57 -8.77
N GLN B 65 23.47 19.75 -8.18
CA GLN B 65 23.03 21.06 -7.71
C GLN B 65 22.59 20.90 -6.25
N PRO B 66 23.54 21.04 -5.33
CA PRO B 66 23.25 20.68 -3.93
C PRO B 66 22.28 21.66 -3.29
N ALA B 67 21.45 21.15 -2.38
CA ALA B 67 20.51 21.99 -1.66
C ALA B 67 21.29 23.04 -0.86
N ARG B 68 20.83 24.29 -0.93
CA ARG B 68 21.59 25.36 -0.32
C ARG B 68 21.50 25.24 1.19
N ASP B 69 20.34 24.78 1.63
CA ASP B 69 20.01 24.56 3.03
C ASP B 69 19.21 23.27 3.11
N PRO B 70 19.92 22.12 3.19
CA PRO B 70 19.26 20.80 3.12
C PRO B 70 18.13 20.68 4.14
N GLU B 71 16.96 20.24 3.73
CA GLU B 71 15.82 20.24 4.64
C GLU B 71 15.30 18.84 4.88
N ALA B 72 14.90 18.59 6.13
CA ALA B 72 14.22 17.35 6.47
C ALA B 72 12.92 17.30 5.70
N VAL B 73 12.73 16.25 4.92
CA VAL B 73 11.48 16.02 4.21
C VAL B 73 11.00 14.59 4.46
N GLU B 74 9.78 14.29 4.03
CA GLU B 74 9.22 12.96 4.20
C GLU B 74 8.71 12.40 2.88
N LEU B 75 8.91 11.10 2.68
CA LEU B 75 8.36 10.41 1.53
C LEU B 75 7.34 9.42 2.04
N GLU B 76 6.24 9.30 1.31
CA GLU B 76 5.25 8.28 1.61
CA GLU B 76 5.25 8.29 1.61
C GLU B 76 5.90 6.91 1.51
N THR B 77 5.41 5.96 2.31
CA THR B 77 5.90 4.59 2.22
C THR B 77 4.75 3.66 1.89
N THR B 78 5.08 2.48 1.36
CA THR B 78 4.08 1.46 1.04
C THR B 78 3.29 0.94 2.25
N ARG B 79 3.90 0.94 3.43
CA ARG B 79 3.24 0.54 4.68
C ARG B 79 3.85 1.29 5.84
N GLY B 80 3.04 1.66 6.82
CA GLY B 80 3.55 2.35 7.99
C GLY B 80 3.71 3.83 7.72
N PRO B 81 4.34 4.56 8.67
CA PRO B 81 4.45 6.03 8.57
C PRO B 81 5.40 6.50 7.47
N PRO B 82 5.30 7.77 7.06
CA PRO B 82 6.26 8.33 6.12
C PRO B 82 7.71 8.11 6.54
N ALA B 83 8.59 8.00 5.56
CA ALA B 83 10.02 7.89 5.81
C ALA B 83 10.66 9.27 5.81
N GLU B 84 11.68 9.44 6.64
CA GLU B 84 12.33 10.71 6.85
C GLU B 84 13.70 10.76 6.17
N TYR B 85 13.89 11.77 5.36
CA TYR B 85 15.10 11.91 4.54
C TYR B 85 15.52 13.36 4.61
N THR B 86 16.70 13.67 4.10
CA THR B 86 17.09 15.05 3.91
C THR B 86 17.19 15.32 2.43
N ARG B 87 16.63 16.45 1.97
CA ARG B 87 16.71 16.81 0.57
C ARG B 87 18.12 17.34 0.33
N ALA B 88 18.89 16.66 -0.49
CA ALA B 88 20.31 16.96 -0.52
C ALA B 88 20.76 17.66 -1.78
N ALA B 89 20.04 17.45 -2.88
CA ALA B 89 20.48 17.98 -4.17
C ALA B 89 19.46 17.76 -5.26
N VAL B 90 19.62 18.54 -6.33
CA VAL B 90 18.93 18.30 -7.58
C VAL B 90 19.94 17.76 -8.57
N LEU B 91 19.58 16.69 -9.26
CA LEU B 91 20.37 16.21 -10.38
C LEU B 91 19.70 16.64 -11.68
N GLY B 92 20.43 17.36 -12.53
CA GLY B 92 19.88 17.76 -13.81
C GLY B 92 20.63 17.05 -14.92
N PHE B 93 19.90 16.56 -15.92
CA PHE B 93 20.50 15.69 -16.93
C PHE B 93 19.63 15.63 -18.18
N ASP B 94 20.13 15.04 -19.25
CA ASP B 94 19.38 14.99 -20.52
C ASP B 94 19.07 13.57 -20.95
N LEU B 95 17.80 13.34 -21.30
CA LEU B 95 17.34 12.07 -21.87
C LEU B 95 16.25 12.26 -22.94
N GLY B 96 16.60 12.14 -24.20
CA GLY B 96 17.98 12.09 -24.63
C GLY B 96 18.17 13.41 -25.36
N ASP B 97 17.05 13.91 -25.87
CA ASP B 97 16.99 15.24 -26.47
C ASP B 97 16.25 16.20 -25.53
N SER B 98 16.02 15.76 -24.31
CA SER B 98 15.18 16.50 -23.39
C SER B 98 15.84 16.59 -22.00
N HIS B 99 15.67 17.72 -21.32
CA HIS B 99 16.30 17.94 -20.02
C HIS B 99 15.36 17.60 -18.87
N HIS B 100 15.94 17.03 -17.81
CA HIS B 100 15.14 16.57 -16.67
C HIS B 100 15.87 16.88 -15.37
N THR B 101 15.12 16.96 -14.27
CA THR B 101 15.70 17.06 -12.94
C THR B 101 15.10 16.03 -12.00
N LEU B 102 15.95 15.50 -11.12
CA LEU B 102 15.54 14.58 -10.07
C LEU B 102 16.10 15.09 -8.75
N THR B 103 15.29 14.97 -7.70
CA THR B 103 15.72 15.31 -6.36
C THR B 103 16.42 14.11 -5.71
N ALA B 104 17.62 14.32 -5.20
CA ALA B 104 18.35 13.28 -4.47
C ALA B 104 18.30 13.48 -2.95
N PHE B 105 18.19 12.38 -2.23
CA PHE B 105 17.95 12.36 -0.81
C PHE B 105 19.11 11.74 -0.06
N ARG B 106 19.47 12.39 1.04
CA ARG B 106 20.51 11.90 1.93
C ARG B 106 19.83 11.06 3.00
N VAL B 107 20.32 9.83 3.18
CA VAL B 107 19.76 8.90 4.15
C VAL B 107 20.75 8.73 5.29
N GLU B 108 20.25 8.71 6.52
CA GLU B 108 21.13 8.60 7.67
C GLU B 108 21.99 7.33 7.62
N GLY B 109 23.30 7.51 7.68
CA GLY B 109 24.21 6.39 7.84
C GLY B 109 24.62 5.76 6.51
N GLU B 110 24.07 6.26 5.42
CA GLU B 110 24.44 5.77 4.09
C GLU B 110 25.18 6.85 3.32
N SER B 111 26.28 6.48 2.69
CA SER B 111 27.08 7.48 2.03
C SER B 111 26.51 7.90 0.67
N SER B 112 25.81 7.00 -0.01
CA SER B 112 25.22 7.30 -1.33
C SER B 112 23.90 8.03 -1.20
N LEU B 113 23.61 8.88 -2.17
CA LEU B 113 22.34 9.58 -2.20
C LEU B 113 21.27 8.62 -2.74
N PHE B 114 20.05 8.81 -2.27
CA PHE B 114 18.93 7.94 -2.61
C PHE B 114 18.12 8.70 -3.64
N VAL B 115 17.91 8.13 -4.82
CA VAL B 115 17.12 8.79 -5.88
C VAL B 115 15.98 7.88 -6.36
N PRO B 116 14.81 7.97 -5.70
CA PRO B 116 13.68 7.15 -6.11
C PRO B 116 12.98 7.88 -7.24
N PHE B 117 12.53 7.16 -8.26
CA PHE B 117 11.95 7.86 -9.40
C PHE B 117 10.87 7.04 -10.08
N THR B 118 10.15 7.66 -11.02
CA THR B 118 9.28 6.93 -11.90
C THR B 118 9.55 7.41 -13.30
N ASP B 119 9.09 6.66 -14.30
CA ASP B 119 9.19 7.10 -15.68
C ASP B 119 8.06 6.50 -16.49
N GLU B 120 8.09 6.68 -17.81
CA GLU B 120 6.99 6.16 -18.62
C GLU B 120 6.87 4.62 -18.60
N THR B 121 7.98 3.94 -18.32
CA THR B 121 7.91 2.48 -18.14
C THR B 121 7.12 2.12 -16.90
N THR B 122 7.05 3.04 -15.94
CA THR B 122 6.22 2.82 -14.78
C THR B 122 4.77 2.83 -15.23
N ASP B 123 4.45 3.81 -16.06
CA ASP B 123 3.08 4.06 -16.48
C ASP B 123 2.57 2.96 -17.40
N ASP B 124 3.42 2.50 -18.31
CA ASP B 124 3.02 1.50 -19.30
C ASP B 124 3.13 0.07 -18.78
N GLY B 125 3.65 -0.07 -17.56
CA GLY B 125 3.67 -1.35 -16.89
C GLY B 125 4.92 -2.18 -17.09
N ARG B 126 5.89 -1.68 -17.86
CA ARG B 126 7.11 -2.47 -18.12
C ARG B 126 8.05 -2.57 -16.92
N THR B 127 8.08 -1.54 -16.07
CA THR B 127 8.85 -1.58 -14.83
C THR B 127 7.90 -1.43 -13.64
N TYR B 128 8.43 -1.59 -12.44
CA TYR B 128 7.58 -1.73 -11.24
C TYR B 128 6.63 -0.55 -11.00
N GLU B 129 5.41 -0.88 -10.58
CA GLU B 129 4.33 0.11 -10.46
C GLU B 129 4.60 1.22 -9.44
N HIS B 130 5.38 0.93 -8.40
CA HIS B 130 5.67 1.98 -7.43
C HIS B 130 6.87 2.82 -7.79
N GLY B 131 7.60 2.42 -8.82
CA GLY B 131 8.76 3.18 -9.27
C GLY B 131 10.03 2.40 -8.99
N ARG B 132 11.17 3.00 -9.32
CA ARG B 132 12.46 2.36 -9.10
C ARG B 132 13.40 3.25 -8.29
N TYR B 133 14.50 2.66 -7.84
CA TYR B 133 15.46 3.35 -7.00
C TYR B 133 16.79 3.45 -7.71
N LEU B 134 17.52 4.53 -7.47
CA LEU B 134 18.87 4.64 -7.99
C LEU B 134 19.77 5.18 -6.89
N ASP B 135 20.97 4.63 -6.76
CA ASP B 135 21.93 5.15 -5.79
C ASP B 135 22.96 5.99 -6.52
N VAL B 136 23.25 7.17 -5.99
CA VAL B 136 24.17 8.07 -6.67
C VAL B 136 25.23 8.53 -5.69
N ASP B 137 26.49 8.40 -6.08
CA ASP B 137 27.62 8.74 -5.24
C ASP B 137 27.95 10.22 -5.37
N PRO B 138 27.66 11.00 -4.32
CA PRO B 138 27.75 12.46 -4.39
C PRO B 138 29.18 12.94 -4.32
N ALA B 139 30.03 12.18 -3.63
CA ALA B 139 31.37 12.63 -3.28
C ALA B 139 32.26 12.65 -4.51
N GLY B 140 33.02 13.72 -4.67
CA GLY B 140 32.93 14.88 -3.77
C GLY B 140 32.59 16.09 -4.60
N ALA B 141 31.41 16.05 -5.22
CA ALA B 141 31.01 17.01 -6.25
C ALA B 141 30.43 18.31 -5.69
N ASP B 142 30.83 19.43 -6.29
CA ASP B 142 30.26 20.74 -5.98
C ASP B 142 29.34 21.16 -7.12
N GLY B 143 28.67 22.30 -6.99
CA GLY B 143 27.74 22.77 -8.00
C GLY B 143 28.34 23.78 -8.97
N GLY B 144 28.34 23.45 -10.25
CA GLY B 144 27.76 22.20 -10.73
C GLY B 144 28.75 21.26 -11.37
N ASP B 145 29.39 20.44 -10.55
CA ASP B 145 30.16 19.31 -11.06
C ASP B 145 29.18 18.27 -11.59
N GLU B 146 29.71 17.28 -12.30
CA GLU B 146 28.85 16.24 -12.83
C GLU B 146 28.96 14.97 -11.98
N VAL B 147 27.84 14.29 -11.79
CA VAL B 147 27.87 12.93 -11.25
C VAL B 147 27.31 11.98 -12.28
N ALA B 148 27.69 10.71 -12.20
CA ALA B 148 27.19 9.71 -13.15
C ALA B 148 25.83 9.22 -12.70
N LEU B 149 24.83 9.41 -13.56
CA LEU B 149 23.51 8.83 -13.36
C LEU B 149 23.39 7.65 -14.33
N ASP B 150 23.40 6.43 -13.82
CA ASP B 150 23.38 5.25 -14.70
C ASP B 150 22.12 4.44 -14.48
N PHE B 151 21.12 4.68 -15.32
CA PHE B 151 19.82 4.05 -15.12
C PHE B 151 19.86 2.54 -15.38
N ASN B 152 20.97 2.05 -15.92
CA ASN B 152 21.20 0.60 -15.99
C ASN B 152 21.32 -0.03 -14.60
N LEU B 153 21.53 0.82 -13.60
CA LEU B 153 21.67 0.40 -12.21
C LEU B 153 20.38 0.61 -11.41
N ALA B 154 19.34 1.09 -12.08
CA ALA B 154 18.04 1.25 -11.44
C ALA B 154 17.55 -0.10 -10.94
N TYR B 155 17.04 -0.14 -9.71
CA TYR B 155 16.60 -1.42 -9.14
C TYR B 155 15.26 -1.26 -8.42
N ASN B 156 14.62 -2.38 -8.10
CA ASN B 156 13.30 -2.36 -7.51
C ASN B 156 13.32 -2.24 -5.98
N PRO B 157 12.28 -1.61 -5.40
CA PRO B 157 12.08 -1.64 -3.95
C PRO B 157 11.78 -3.07 -3.54
N PHE B 158 12.08 -3.43 -2.29
CA PHE B 158 11.90 -4.79 -1.79
C PHE B 158 10.50 -5.33 -1.99
N CYS B 159 9.50 -4.46 -1.84
CA CYS B 159 8.10 -4.88 -1.94
C CYS B 159 7.68 -5.33 -3.34
N ALA B 160 8.56 -5.17 -4.32
CA ALA B 160 8.26 -5.65 -5.67
C ALA B 160 8.30 -7.17 -5.71
N TYR B 161 8.89 -7.76 -4.69
CA TYR B 161 9.07 -9.21 -4.68
C TYR B 161 8.00 -9.94 -3.85
N GLY B 162 7.05 -9.19 -3.29
CA GLY B 162 5.92 -9.80 -2.62
C GLY B 162 5.95 -9.76 -1.10
N GLY B 163 7.12 -9.56 -0.51
CA GLY B 163 7.21 -9.40 0.93
C GLY B 163 6.46 -8.15 1.37
N SER B 164 6.08 -8.10 2.64
CA SER B 164 5.29 -6.98 3.14
C SER B 164 6.19 -5.92 3.78
N PHE B 165 7.07 -5.36 2.96
CA PHE B 165 8.05 -4.40 3.41
C PHE B 165 7.52 -2.97 3.34
N SER B 166 8.08 -2.10 4.17
CA SER B 166 7.86 -0.66 4.03
C SER B 166 8.95 -0.02 3.18
N CYS B 167 8.58 0.43 1.98
CA CYS B 167 9.55 1.09 1.10
C CYS B 167 9.07 2.47 0.72
N ALA B 168 10.01 3.40 0.61
CA ALA B 168 9.72 4.78 0.26
C ALA B 168 9.22 4.91 -1.19
N LEU B 169 8.16 5.70 -1.38
CA LEU B 169 7.62 5.98 -2.70
C LEU B 169 8.28 7.21 -3.27
N PRO B 170 8.55 7.23 -4.59
CA PRO B 170 9.18 8.39 -5.25
C PRO B 170 8.28 9.60 -5.12
N PRO B 171 8.84 10.81 -4.94
CA PRO B 171 7.95 11.97 -4.93
C PRO B 171 7.48 12.30 -6.35
N ALA B 172 6.37 13.03 -6.46
CA ALA B 172 5.74 13.30 -7.76
C ALA B 172 6.69 13.97 -8.74
N ASP B 173 7.55 14.85 -8.22
N ASP B 173 7.55 14.85 -8.24
CA ASP B 173 8.50 15.59 -9.06
CA ASP B 173 8.45 15.58 -9.12
C ASP B 173 9.67 14.74 -9.54
C ASP B 173 9.67 14.75 -9.52
N ASN B 174 9.73 13.50 -9.06
CA ASN B 174 10.76 12.58 -9.54
C ASN B 174 10.21 11.67 -10.62
N HIS B 175 9.19 12.12 -11.33
CA HIS B 175 8.76 11.40 -12.51
C HIS B 175 9.60 11.90 -13.69
N VAL B 176 10.17 10.97 -14.45
CA VAL B 176 10.87 11.36 -15.67
C VAL B 176 9.97 11.03 -16.85
N PRO B 177 9.52 12.05 -17.61
CA PRO B 177 8.62 11.87 -18.76
C PRO B 177 9.37 11.29 -19.95
N ALA B 178 9.76 10.03 -19.79
CA ALA B 178 10.47 9.27 -20.84
C ALA B 178 10.42 7.79 -20.48
N ALA B 179 10.62 6.97 -21.50
CA ALA B 179 10.71 5.52 -21.30
C ALA B 179 12.15 5.20 -20.97
N ILE B 180 12.43 5.00 -19.68
CA ILE B 180 13.77 4.60 -19.30
C ILE B 180 13.90 3.07 -19.40
N THR B 181 14.30 2.61 -20.59
CA THR B 181 14.44 1.19 -20.89
C THR B 181 15.85 0.70 -20.51
N ALA B 182 16.14 0.78 -19.22
CA ALA B 182 17.43 0.39 -18.69
C ALA B 182 17.21 -0.03 -17.24
N GLY B 183 18.07 -0.90 -16.75
CA GLY B 183 17.96 -1.32 -15.37
C GLY B 183 16.87 -2.36 -15.17
N GLU B 184 16.43 -2.54 -13.93
CA GLU B 184 15.52 -3.64 -13.63
C GLU B 184 14.11 -3.44 -14.16
N ARG B 185 13.54 -4.50 -14.72
CA ARG B 185 12.14 -4.47 -15.16
C ARG B 185 11.33 -5.54 -14.44
N VAL B 186 10.04 -5.58 -14.72
CA VAL B 186 9.17 -6.63 -14.19
C VAL B 186 8.37 -7.32 -15.31
N ASP B 187 7.97 -8.56 -15.06
CA ASP B 187 7.00 -9.22 -15.94
C ASP B 187 5.58 -9.01 -15.43
N ALA B 188 4.80 -8.23 -16.18
CA ALA B 188 3.44 -7.85 -15.78
C ALA B 188 2.50 -9.04 -15.68
N ASP B 189 2.77 -10.05 -16.49
CA ASP B 189 1.91 -11.23 -16.58
C ASP B 189 1.93 -12.08 -15.30
N LEU B 190 2.97 -11.90 -14.49
CA LEU B 190 3.09 -12.61 -13.22
C LEU B 190 2.27 -11.95 -12.13
HG EMC C . -9.50 6.13 9.08
C1 EMC C . -11.17 5.15 9.65
C1 EMC C . -10.49 5.33 10.66
C2 EMC C . -11.75 4.44 8.43
C2 EMC C . -9.94 3.94 11.02
NA NA D . -14.29 3.96 7.42
HG EMC E . 11.97 -1.63 1.68
C1 EMC E . 13.45 -0.67 0.69
C2 EMC E . 13.59 -1.24 -0.71
NA NA F . 15.41 -2.10 -2.71
#